data_5XW2
#
_entry.id   5XW2
#
_cell.length_a   126.130
_cell.length_b   72.840
_cell.length_c   53.750
_cell.angle_alpha   90.00
_cell.angle_beta   107.43
_cell.angle_gamma   90.00
#
_symmetry.space_group_name_H-M   'C 1 2 1'
#
loop_
_entity.id
_entity.type
_entity.pdbx_description
1 polymer 'Cytochrome P450 107B1 (P450CVIIB1)'
2 non-polymer 'PROTOPORPHYRIN IX CONTAINING FE'
3 non-polymer GLYCEROL
4 non-polymer 'MAGNESIUM ION'
5 water water
#
_entity_poly.entity_id   1
_entity_poly.type   'polypeptide(L)'
_entity_poly.pdbx_seq_one_letter_code
;MGSSHHHHHHSSGLVPRGSHMTTPAERWGIHPEHFWLYGRRPRQMVEFDEKMNAWNVYGYAEAIEVLGDPGTFSSHMSRL
LPMGADEAFTEGDLLQTDPPDHRELRKLVSHAFTPKVVAELEPRITALTQELLDAVADRDTFDLMTALAYPLPVTVVAEL
LSIPSADRHLFEGWMTEIVHSLGDVSMEDAPEDQERIFEAGMAPMRKMLEYLREHAAECRRRPRGDLMGKLIEAEVDGRR
LTDNHIVNFAKMLLIAGYLTTTMLIGNTVLCLDSYPEQAARVRADRSLIPGLLEESMRFLSPVAATYRATTRDVEVAGQR
LSADQMVMVWFGAANRDARQFAEPELFDMTRGPNPHLGFGRGIHFCLGGPLARMEGRVALDHLLDRFPELYTDPERPPTF
MPGFDTTGVSSLPLRTSLG
;
_entity_poly.pdbx_strand_id   A
#
loop_
_chem_comp.id
_chem_comp.type
_chem_comp.name
_chem_comp.formula
GOL non-polymer GLYCEROL 'C3 H8 O3'
HEM non-polymer 'PROTOPORPHYRIN IX CONTAINING FE' 'C34 H32 Fe N4 O4'
MG non-polymer 'MAGNESIUM ION' 'Mg 2'
#
# COMPACT_ATOMS: atom_id res chain seq x y z
N MET A 21 -6.06 19.40 -18.62
CA MET A 21 -6.08 17.94 -18.68
C MET A 21 -6.96 17.37 -17.55
N THR A 22 -7.93 16.55 -17.93
CA THR A 22 -8.86 15.98 -16.96
C THR A 22 -8.13 14.94 -16.12
N THR A 23 -8.26 15.03 -14.80
CA THR A 23 -7.56 14.11 -13.93
C THR A 23 -8.26 12.76 -13.92
N PRO A 24 -7.57 11.70 -13.53
CA PRO A 24 -8.26 10.40 -13.38
C PRO A 24 -9.44 10.51 -12.43
N ALA A 25 -9.31 11.29 -11.34
CA ALA A 25 -10.39 11.39 -10.39
C ALA A 25 -11.64 11.99 -11.03
N GLU A 26 -11.48 13.06 -11.80
CA GLU A 26 -12.62 13.66 -12.51
C GLU A 26 -13.17 12.72 -13.57
N ARG A 27 -12.29 12.08 -14.34
CA ARG A 27 -12.75 11.27 -15.47
C ARG A 27 -13.57 10.10 -14.98
N TRP A 28 -13.16 9.48 -13.87
CA TRP A 28 -13.72 8.22 -13.47
C TRP A 28 -14.51 8.31 -12.17
N GLY A 29 -14.59 9.48 -11.57
CA GLY A 29 -15.32 9.60 -10.30
C GLY A 29 -14.69 8.92 -9.09
N ILE A 30 -13.37 9.04 -8.94
CA ILE A 30 -12.68 8.37 -7.84
C ILE A 30 -13.00 9.08 -6.53
N HIS A 31 -13.40 8.33 -5.53
CA HIS A 31 -13.63 8.84 -4.17
C HIS A 31 -14.14 10.27 -3.95
N PRO A 32 -15.28 10.65 -4.59
CA PRO A 32 -15.82 12.00 -4.39
C PRO A 32 -15.68 12.61 -3.00
N GLU A 33 -15.65 11.77 -1.95
CA GLU A 33 -15.48 12.26 -0.58
C GLU A 33 -14.04 12.68 -0.28
N HIS A 34 -13.07 12.21 -1.08
CA HIS A 34 -11.66 12.63 -0.91
C HIS A 34 -11.54 13.97 -1.63
N PHE A 35 -11.97 15.02 -0.95
CA PHE A 35 -12.12 16.32 -1.59
C PHE A 35 -10.81 16.84 -2.17
N TRP A 36 -9.68 16.41 -1.59
CA TRP A 36 -8.38 16.85 -2.07
C TRP A 36 -8.07 16.34 -3.48
N LEU A 37 -8.70 15.24 -3.93
CA LEU A 37 -8.54 14.77 -5.30
C LEU A 37 -9.14 15.74 -6.29
N TYR A 38 -9.95 16.69 -5.79
CA TYR A 38 -10.64 17.66 -6.64
C TYR A 38 -10.13 19.06 -6.40
N GLY A 39 -9.01 19.21 -5.69
CA GLY A 39 -8.34 20.47 -5.52
C GLY A 39 -8.85 21.32 -4.38
N ARG A 40 -9.82 20.84 -3.62
CA ARG A 40 -10.36 21.66 -2.55
C ARG A 40 -9.43 21.57 -1.36
N ARG A 41 -9.12 22.70 -0.76
CA ARG A 41 -8.32 22.76 0.46
C ARG A 41 -9.22 22.60 1.69
N PRO A 42 -8.79 21.89 2.72
CA PRO A 42 -9.58 21.80 3.95
C PRO A 42 -9.82 23.17 4.57
N ARG A 43 -10.91 23.27 5.33
CA ARG A 43 -11.17 24.50 6.06
C ARG A 43 -10.10 24.71 7.12
N GLN A 44 -9.69 23.65 7.78
CA GLN A 44 -8.59 23.65 8.73
C GLN A 44 -7.93 22.29 8.59
N MET A 45 -6.69 22.23 9.06
CA MET A 45 -5.89 21.04 8.75
C MET A 45 -6.12 19.91 9.73
N VAL A 46 -6.72 20.17 10.88
CA VAL A 46 -7.11 19.16 11.85
C VAL A 46 -8.57 19.39 12.21
N GLU A 47 -9.40 18.37 12.04
CA GLU A 47 -10.84 18.59 12.23
C GLU A 47 -11.49 17.31 12.70
N PHE A 48 -12.47 17.42 13.61
CA PHE A 48 -13.16 16.24 14.08
C PHE A 48 -14.28 15.78 13.12
N ASP A 49 -14.36 14.49 12.87
CA ASP A 49 -15.30 13.83 11.95
C ASP A 49 -16.31 12.99 12.77
N GLU A 50 -17.60 13.37 12.71
CA GLU A 50 -18.60 12.69 13.54
C GLU A 50 -18.89 11.27 13.11
N LYS A 51 -19.00 11.03 11.81
CA LYS A 51 -19.41 9.67 11.42
C LYS A 51 -18.39 8.64 11.84
N MET A 52 -17.07 8.94 11.70
CA MET A 52 -16.02 8.01 12.12
C MET A 52 -15.65 8.16 13.58
N ASN A 53 -16.15 9.20 14.24
CA ASN A 53 -15.77 9.48 15.62
C ASN A 53 -14.24 9.55 15.70
N ALA A 54 -13.67 10.48 14.92
CA ALA A 54 -12.20 10.56 14.86
C ALA A 54 -11.79 11.94 14.44
N TRP A 55 -10.57 12.34 14.83
CA TRP A 55 -9.94 13.53 14.31
C TRP A 55 -9.28 13.21 12.98
N ASN A 56 -9.47 14.06 11.99
CA ASN A 56 -8.80 13.93 10.69
C ASN A 56 -7.68 14.93 10.61
N VAL A 57 -6.51 14.48 10.15
CA VAL A 57 -5.34 15.32 9.92
C VAL A 57 -5.11 15.35 8.41
N TYR A 58 -5.27 16.53 7.83
CA TYR A 58 -5.17 16.70 6.39
C TYR A 58 -3.90 17.40 5.93
N GLY A 59 -3.22 18.11 6.80
CA GLY A 59 -2.10 18.94 6.40
C GLY A 59 -0.78 18.16 6.47
N TYR A 60 0.18 18.52 5.62
CA TYR A 60 1.48 17.84 5.59
C TYR A 60 2.23 18.06 6.91
N ALA A 61 2.40 19.32 7.33
CA ALA A 61 3.14 19.58 8.57
C ALA A 61 2.47 18.90 9.75
N GLU A 62 1.14 18.92 9.79
CA GLU A 62 0.44 18.33 10.92
C GLU A 62 0.56 16.80 10.91
N ALA A 63 0.57 16.21 9.71
CA ALA A 63 0.81 14.77 9.61
C ALA A 63 2.21 14.41 10.09
N ILE A 64 3.22 15.20 9.68
CA ILE A 64 4.58 14.96 10.17
C ILE A 64 4.64 15.03 11.70
N GLU A 65 3.97 16.04 12.28
CA GLU A 65 3.97 16.17 13.75
C GLU A 65 3.35 14.94 14.40
N VAL A 66 2.19 14.50 13.91
CA VAL A 66 1.52 13.35 14.50
C VAL A 66 2.39 12.10 14.35
N LEU A 67 2.85 11.84 13.12
CA LEU A 67 3.63 10.62 12.85
C LEU A 67 4.91 10.59 13.65
N GLY A 68 5.50 11.77 13.94
CA GLY A 68 6.76 11.86 14.66
C GLY A 68 6.62 11.79 16.15
N ASP A 69 5.43 11.64 16.71
CA ASP A 69 5.26 11.55 18.16
C ASP A 69 4.43 10.32 18.49
N PRO A 70 5.05 9.14 18.39
CA PRO A 70 4.31 7.91 18.72
C PRO A 70 3.95 7.79 20.18
N GLY A 71 4.64 8.49 21.08
CA GLY A 71 4.29 8.45 22.50
C GLY A 71 2.91 9.04 22.75
N THR A 72 2.57 10.11 22.02
CA THR A 72 1.25 10.77 22.11
C THR A 72 0.25 10.14 21.16
N PHE A 73 0.70 9.75 19.97
CA PHE A 73 -0.16 9.24 18.91
C PHE A 73 0.25 7.78 18.70
N SER A 74 -0.35 6.91 19.49
CA SER A 74 -0.05 5.50 19.47
C SER A 74 -0.58 4.85 18.20
N SER A 75 0.10 3.79 17.76
CA SER A 75 -0.38 2.95 16.67
C SER A 75 -1.12 1.72 17.17
N HIS A 76 -1.17 1.53 18.50
CA HIS A 76 -1.77 0.35 19.11
C HIS A 76 -3.27 0.63 19.25
N MET A 77 -4.04 0.37 18.18
CA MET A 77 -5.42 0.84 18.12
C MET A 77 -6.37 0.09 19.07
N SER A 78 -5.94 -1.08 19.58
CA SER A 78 -6.74 -1.76 20.61
C SER A 78 -6.93 -0.91 21.85
N ARG A 79 -6.10 0.10 22.08
CA ARG A 79 -6.30 0.95 23.24
C ARG A 79 -7.63 1.69 23.17
N LEU A 80 -8.27 1.73 21.99
CA LEU A 80 -9.54 2.43 21.87
C LEU A 80 -10.74 1.52 22.06
N LEU A 81 -10.52 0.21 22.15
CA LEU A 81 -11.62 -0.73 22.31
C LEU A 81 -12.28 -0.49 23.67
N PRO A 82 -13.60 -0.58 23.75
CA PRO A 82 -14.31 -0.20 24.98
C PRO A 82 -13.95 -1.08 26.16
N MET A 83 -14.20 -0.55 27.37
CA MET A 83 -13.98 -1.28 28.61
C MET A 83 -14.46 -2.72 28.47
N GLY A 84 -13.52 -3.65 28.43
CA GLY A 84 -13.84 -5.04 28.17
C GLY A 84 -12.82 -5.67 27.25
N ALA A 85 -13.28 -6.56 26.39
CA ALA A 85 -12.42 -7.18 25.37
C ALA A 85 -13.18 -8.28 24.64
N ALA A 88 -7.95 -8.21 20.38
CA ALA A 88 -7.27 -7.69 21.54
C ALA A 88 -5.82 -8.18 21.63
N PHE A 89 -5.44 -9.11 20.75
CA PHE A 89 -4.05 -9.59 20.70
C PHE A 89 -3.48 -9.23 19.34
N THR A 90 -2.68 -8.16 19.32
CA THR A 90 -2.04 -7.71 18.09
C THR A 90 -0.53 -7.82 18.16
N GLU A 91 0.05 -8.47 19.19
CA GLU A 91 1.48 -8.57 19.27
C GLU A 91 2.01 -9.37 18.09
N GLY A 92 3.14 -8.95 17.55
CA GLY A 92 3.65 -9.48 16.31
C GLY A 92 3.28 -8.65 15.10
N ASP A 93 2.22 -7.86 15.20
CA ASP A 93 1.84 -6.93 14.12
C ASP A 93 2.60 -5.62 14.33
N LEU A 94 3.60 -5.41 13.49
CA LEU A 94 4.46 -4.23 13.65
C LEU A 94 3.67 -2.93 13.53
N LEU A 95 2.65 -2.89 12.67
CA LEU A 95 1.87 -1.68 12.46
C LEU A 95 1.10 -1.29 13.70
N GLN A 96 0.84 -2.24 14.61
CA GLN A 96 0.09 -1.97 15.83
C GLN A 96 0.98 -1.83 17.04
N THR A 97 2.29 -1.87 16.87
CA THR A 97 3.22 -1.96 18.00
C THR A 97 3.93 -0.63 18.21
N ASP A 98 3.92 -0.14 19.45
CA ASP A 98 4.59 1.09 19.81
C ASP A 98 6.00 0.83 20.34
N PRO A 99 6.82 1.87 20.46
CA PRO A 99 8.07 1.74 21.23
C PRO A 99 7.74 1.35 22.66
N PRO A 100 8.64 0.58 23.32
CA PRO A 100 9.97 0.16 22.87
C PRO A 100 9.94 -1.14 22.08
N ASP A 101 8.82 -1.87 22.07
CA ASP A 101 8.82 -3.15 21.35
C ASP A 101 8.95 -2.96 19.85
N HIS A 102 8.43 -1.85 19.31
CA HIS A 102 8.44 -1.65 17.86
C HIS A 102 9.85 -1.82 17.31
N ARG A 103 10.83 -1.14 17.90
CA ARG A 103 12.18 -1.19 17.33
C ARG A 103 12.70 -2.61 17.38
N GLU A 104 12.44 -3.31 18.48
CA GLU A 104 12.98 -4.66 18.61
C GLU A 104 12.41 -5.61 17.56
N LEU A 105 11.09 -5.52 17.35
CA LEU A 105 10.46 -6.39 16.35
C LEU A 105 10.90 -6.01 14.92
N ARG A 106 10.93 -4.71 14.64
CA ARG A 106 11.36 -4.28 13.30
C ARG A 106 12.82 -4.69 13.05
N LYS A 107 13.68 -4.58 14.07
CA LYS A 107 15.08 -4.95 13.88
C LYS A 107 15.21 -6.43 13.59
N LEU A 108 14.33 -7.26 14.18
CA LEU A 108 14.40 -8.69 13.94
C LEU A 108 14.16 -9.00 12.48
N VAL A 109 13.25 -8.25 11.83
CA VAL A 109 12.84 -8.63 10.47
C VAL A 109 13.44 -7.77 9.36
N SER A 110 14.07 -6.65 9.68
CA SER A 110 14.36 -5.66 8.64
C SER A 110 15.36 -6.13 7.58
N HIS A 111 16.26 -7.06 7.89
CA HIS A 111 17.18 -7.54 6.89
C HIS A 111 16.52 -8.30 5.75
N ALA A 112 15.26 -8.67 5.90
CA ALA A 112 14.50 -9.30 4.81
C ALA A 112 14.03 -8.29 3.75
N PHE A 113 14.30 -6.98 3.93
CA PHE A 113 13.65 -5.94 3.14
C PHE A 113 14.65 -5.00 2.46
N THR A 114 15.91 -5.34 2.52
CA THR A 114 16.98 -4.46 2.08
C THR A 114 17.09 -4.41 0.57
N PRO A 115 17.83 -3.44 0.06
CA PRO A 115 18.14 -3.44 -1.39
C PRO A 115 18.83 -4.72 -1.85
N LYS A 116 19.61 -5.40 -1.02
CA LYS A 116 20.19 -6.67 -1.43
C LYS A 116 19.08 -7.71 -1.68
N VAL A 117 18.10 -7.80 -0.78
CA VAL A 117 16.97 -8.68 -1.01
C VAL A 117 16.20 -8.27 -2.26
N VAL A 118 15.96 -6.96 -2.44
CA VAL A 118 15.27 -6.50 -3.65
C VAL A 118 15.97 -7.03 -4.89
N ALA A 119 17.31 -6.92 -4.93
CA ALA A 119 18.07 -7.33 -6.11
C ALA A 119 18.04 -8.84 -6.25
N GLU A 120 17.97 -9.59 -5.14
CA GLU A 120 17.88 -11.03 -5.27
C GLU A 120 16.53 -11.47 -5.79
N LEU A 121 15.47 -10.75 -5.47
CA LEU A 121 14.13 -11.14 -5.90
C LEU A 121 13.78 -10.58 -7.28
N GLU A 122 14.43 -9.53 -7.73
CA GLU A 122 14.03 -8.88 -8.96
C GLU A 122 14.00 -9.84 -10.15
N PRO A 123 14.94 -10.74 -10.35
CA PRO A 123 14.84 -11.61 -11.53
C PRO A 123 13.59 -12.48 -11.46
N ARG A 124 13.22 -12.97 -10.29
CA ARG A 124 12.00 -13.76 -10.17
C ARG A 124 10.75 -12.95 -10.52
N ILE A 125 10.71 -11.70 -10.05
CA ILE A 125 9.57 -10.85 -10.36
C ILE A 125 9.52 -10.53 -11.84
N THR A 126 10.68 -10.31 -12.46
CA THR A 126 10.73 -10.08 -13.90
C THR A 126 10.23 -11.29 -14.69
N ALA A 127 10.65 -12.50 -14.30
CA ALA A 127 10.21 -13.69 -15.01
C ALA A 127 8.72 -13.88 -14.87
N LEU A 128 8.20 -13.68 -13.66
CA LEU A 128 6.76 -13.85 -13.47
C LEU A 128 5.98 -12.80 -14.25
N THR A 129 6.45 -11.55 -14.23
CA THR A 129 5.80 -10.49 -15.02
C THR A 129 5.73 -10.89 -16.48
N GLN A 130 6.83 -11.40 -17.04
CA GLN A 130 6.82 -11.77 -18.45
C GLN A 130 5.89 -12.94 -18.72
N GLU A 131 5.80 -13.90 -17.79
CA GLU A 131 4.89 -15.02 -17.97
C GLU A 131 3.44 -14.54 -17.95
N LEU A 132 3.11 -13.67 -16.98
CA LEU A 132 1.77 -13.10 -16.92
C LEU A 132 1.45 -12.32 -18.19
N LEU A 133 2.40 -11.55 -18.71
CA LEU A 133 2.14 -10.80 -19.94
C LEU A 133 2.00 -11.70 -21.16
N ASP A 134 2.76 -12.80 -21.24
CA ASP A 134 2.58 -13.75 -22.34
C ASP A 134 1.13 -14.18 -22.40
N ALA A 135 0.49 -14.40 -21.23
CA ALA A 135 -0.91 -14.86 -21.25
C ALA A 135 -1.87 -13.88 -21.89
N VAL A 136 -1.57 -12.59 -21.96
CA VAL A 136 -2.51 -11.59 -22.47
C VAL A 136 -1.98 -10.84 -23.68
N ALA A 137 -0.76 -11.15 -24.14
CA ALA A 137 -0.10 -10.31 -25.14
C ALA A 137 -0.89 -10.22 -26.44
N ASP A 138 -1.65 -11.26 -26.77
CA ASP A 138 -2.42 -11.28 -28.02
C ASP A 138 -3.84 -10.84 -27.85
N ARG A 139 -4.24 -10.37 -26.67
CA ARG A 139 -5.61 -9.97 -26.42
C ARG A 139 -5.92 -8.61 -27.03
N ASP A 140 -7.14 -8.47 -27.55
CA ASP A 140 -7.66 -7.17 -27.94
C ASP A 140 -8.08 -6.34 -26.73
N THR A 141 -8.59 -7.00 -25.71
CA THR A 141 -8.98 -6.32 -24.48
C THR A 141 -8.64 -7.24 -23.33
N PHE A 142 -8.25 -6.67 -22.19
CA PHE A 142 -8.04 -7.49 -21.00
C PHE A 142 -8.09 -6.57 -19.79
N ASP A 143 -8.25 -7.17 -18.62
CA ASP A 143 -8.24 -6.39 -17.38
C ASP A 143 -6.82 -6.45 -16.83
N LEU A 144 -6.15 -5.30 -16.80
CA LEU A 144 -4.78 -5.24 -16.27
C LEU A 144 -4.70 -5.81 -14.86
N MET A 145 -5.73 -5.60 -14.04
CA MET A 145 -5.66 -6.02 -12.67
C MET A 145 -5.67 -7.53 -12.55
N THR A 146 -6.58 -8.19 -13.25
CA THR A 146 -6.58 -9.65 -13.18
C THR A 146 -5.38 -10.27 -13.90
N ALA A 147 -4.89 -9.62 -14.94
CA ALA A 147 -3.80 -10.21 -15.71
C ALA A 147 -2.45 -10.05 -15.03
N LEU A 148 -2.26 -8.95 -14.28
CA LEU A 148 -0.92 -8.58 -13.84
C LEU A 148 -0.91 -8.05 -12.40
N ALA A 149 -1.75 -7.09 -12.08
CA ALA A 149 -1.59 -6.38 -10.81
C ALA A 149 -2.00 -7.22 -9.61
N TYR A 150 -3.02 -8.07 -9.72
CA TYR A 150 -3.38 -8.99 -8.65
C TYR A 150 -2.42 -10.16 -8.58
N PRO A 151 -2.10 -10.88 -9.68
CA PRO A 151 -1.23 -12.04 -9.50
C PRO A 151 0.19 -11.72 -9.07
N LEU A 152 0.74 -10.61 -9.48
CA LEU A 152 2.16 -10.37 -9.24
C LEU A 152 2.51 -10.24 -7.77
N PRO A 153 1.91 -9.34 -7.00
CA PRO A 153 2.45 -8.99 -5.68
C PRO A 153 2.44 -10.08 -4.60
N VAL A 154 1.75 -11.21 -4.78
CA VAL A 154 1.88 -12.27 -3.78
C VAL A 154 3.28 -12.86 -3.71
N THR A 155 4.00 -12.92 -4.83
CA THR A 155 5.25 -13.65 -4.83
C THR A 155 6.28 -13.03 -3.89
N VAL A 156 6.36 -11.70 -3.84
CA VAL A 156 7.32 -11.10 -2.92
C VAL A 156 7.01 -11.49 -1.47
N VAL A 157 5.75 -11.32 -1.05
CA VAL A 157 5.38 -11.66 0.33
C VAL A 157 5.56 -13.15 0.62
N ALA A 158 5.22 -14.01 -0.36
CA ALA A 158 5.41 -15.44 -0.17
C ALA A 158 6.89 -15.80 -0.04
N GLU A 159 7.76 -15.17 -0.83
CA GLU A 159 9.18 -15.41 -0.71
C GLU A 159 9.70 -14.94 0.64
N LEU A 160 9.23 -13.78 1.11
CA LEU A 160 9.72 -13.31 2.40
C LEU A 160 9.32 -14.27 3.52
N LEU A 161 8.13 -14.86 3.40
CA LEU A 161 7.58 -15.76 4.42
C LEU A 161 7.92 -17.22 4.16
N SER A 162 8.74 -17.51 3.16
CA SER A 162 9.06 -18.90 2.78
C SER A 162 7.81 -19.76 2.55
N ILE A 163 6.78 -19.20 1.92
CA ILE A 163 5.56 -19.95 1.59
C ILE A 163 5.80 -20.70 0.27
N PRO A 164 5.53 -22.00 0.22
CA PRO A 164 5.81 -22.79 -0.99
C PRO A 164 5.14 -22.21 -2.23
N SER A 165 5.87 -22.29 -3.37
CA SER A 165 5.32 -21.79 -4.62
C SER A 165 3.98 -22.45 -4.94
N ALA A 166 3.82 -23.70 -4.55
CA ALA A 166 2.57 -24.42 -4.80
C ALA A 166 1.35 -23.69 -4.23
N ASP A 167 1.52 -22.98 -3.11
CA ASP A 167 0.41 -22.44 -2.33
C ASP A 167 0.16 -20.95 -2.56
N ARG A 168 0.95 -20.29 -3.38
CA ARG A 168 0.77 -18.84 -3.49
C ARG A 168 -0.59 -18.45 -4.08
N HIS A 169 -1.14 -19.29 -4.98
CA HIS A 169 -2.45 -19.01 -5.57
C HIS A 169 -3.53 -18.91 -4.49
N LEU A 170 -3.44 -19.76 -3.46
CA LEU A 170 -4.34 -19.70 -2.32
C LEU A 170 -4.40 -18.29 -1.76
N PHE A 171 -3.23 -17.66 -1.62
CA PHE A 171 -3.21 -16.35 -1.00
C PHE A 171 -3.85 -15.31 -1.90
N GLU A 172 -3.55 -15.33 -3.20
CA GLU A 172 -4.26 -14.38 -4.06
C GLU A 172 -5.79 -14.52 -3.90
N GLY A 173 -6.28 -15.77 -3.94
CA GLY A 173 -7.72 -15.99 -3.80
C GLY A 173 -8.26 -15.49 -2.48
N TRP A 174 -7.60 -15.86 -1.38
CA TRP A 174 -8.07 -15.46 -0.06
C TRP A 174 -8.09 -13.95 0.09
N MET A 175 -6.99 -13.28 -0.25
CA MET A 175 -6.92 -11.83 -0.14
C MET A 175 -8.09 -11.16 -0.86
N THR A 176 -8.19 -11.39 -2.18
CA THR A 176 -9.24 -10.70 -2.92
C THR A 176 -10.63 -11.04 -2.38
N GLU A 177 -10.82 -12.29 -1.93
CA GLU A 177 -12.11 -12.67 -1.35
C GLU A 177 -12.42 -11.85 -0.10
N ILE A 178 -11.45 -11.74 0.82
CA ILE A 178 -11.70 -11.02 2.06
C ILE A 178 -11.98 -9.56 1.78
N VAL A 179 -11.23 -8.96 0.85
CA VAL A 179 -11.54 -7.59 0.47
C VAL A 179 -12.95 -7.49 -0.08
N HIS A 180 -13.40 -8.54 -0.78
CA HIS A 180 -14.77 -8.53 -1.31
C HIS A 180 -15.80 -8.53 -0.18
N SER A 181 -15.64 -9.43 0.80
CA SER A 181 -16.59 -9.49 1.90
C SER A 181 -16.69 -8.15 2.61
N LEU A 182 -15.56 -7.52 2.90
CA LEU A 182 -15.57 -6.20 3.51
C LEU A 182 -15.89 -5.14 2.46
N GLY A 183 -16.55 -4.08 2.90
CA GLY A 183 -16.98 -3.03 1.98
C GLY A 183 -16.26 -1.71 2.19
N ALA A 203 -14.86 -16.87 5.75
CA ALA A 203 -14.27 -18.17 5.43
C ALA A 203 -12.81 -18.05 5.01
N PRO A 204 -12.53 -17.18 4.04
CA PRO A 204 -11.15 -17.09 3.53
C PRO A 204 -10.15 -16.65 4.59
N MET A 205 -10.54 -15.74 5.49
CA MET A 205 -9.62 -15.28 6.54
C MET A 205 -9.30 -16.41 7.53
N ARG A 206 -10.31 -17.17 7.95
CA ARG A 206 -10.03 -18.31 8.83
C ARG A 206 -9.12 -19.32 8.15
N LYS A 207 -9.39 -19.63 6.87
CA LYS A 207 -8.54 -20.60 6.21
C LYS A 207 -7.12 -20.08 6.06
N MET A 208 -6.97 -18.78 5.78
CA MET A 208 -5.64 -18.21 5.64
C MET A 208 -4.91 -18.27 6.96
N LEU A 209 -5.58 -17.90 8.06
CA LEU A 209 -4.93 -17.88 9.37
C LEU A 209 -4.53 -19.28 9.81
N GLU A 210 -5.38 -20.28 9.49
CA GLU A 210 -5.03 -21.66 9.86
C GLU A 210 -3.86 -22.16 9.02
N TYR A 211 -3.81 -21.78 7.73
CA TYR A 211 -2.62 -22.10 6.97
C TYR A 211 -1.39 -21.48 7.62
N LEU A 212 -1.50 -20.20 8.01
CA LEU A 212 -0.35 -19.50 8.55
C LEU A 212 0.12 -20.11 9.88
N ARG A 213 -0.82 -20.56 10.72
CA ARG A 213 -0.45 -21.22 11.98
C ARG A 213 0.25 -22.55 11.71
N GLU A 214 -0.30 -23.35 10.78
CA GLU A 214 0.39 -24.58 10.43
C GLU A 214 1.76 -24.31 9.83
N HIS A 215 1.89 -23.22 9.07
CA HIS A 215 3.17 -22.89 8.47
C HIS A 215 4.18 -22.51 9.53
N ALA A 216 3.76 -21.71 10.53
CA ALA A 216 4.66 -21.36 11.61
C ALA A 216 5.12 -22.62 12.34
N ALA A 217 4.16 -23.51 12.68
CA ALA A 217 4.53 -24.72 13.39
C ALA A 217 5.47 -25.58 12.55
N GLU A 218 5.23 -25.68 11.25
CA GLU A 218 6.13 -26.50 10.44
C GLU A 218 7.51 -25.88 10.32
N CYS A 219 7.59 -24.54 10.20
CA CYS A 219 8.88 -23.92 10.09
C CYS A 219 9.73 -24.07 11.34
N ARG A 220 9.12 -24.39 12.48
CA ARG A 220 9.95 -24.63 13.66
C ARG A 220 10.74 -25.94 13.58
N ARG A 221 10.36 -26.86 12.71
CA ARG A 221 10.99 -28.17 12.70
C ARG A 221 12.46 -28.07 12.30
N ARG A 222 12.77 -27.25 11.30
CA ARG A 222 14.16 -27.06 10.85
C ARG A 222 14.32 -25.62 10.42
N PRO A 223 14.44 -24.72 11.38
CA PRO A 223 14.53 -23.30 11.03
C PRO A 223 15.81 -23.03 10.24
N ARG A 224 15.70 -22.15 9.26
CA ARG A 224 16.81 -21.74 8.43
C ARG A 224 17.03 -20.25 8.57
N GLY A 225 18.04 -19.74 7.88
CA GLY A 225 18.39 -18.33 8.01
C GLY A 225 17.50 -17.45 7.16
N ASP A 226 16.20 -17.71 7.19
CA ASP A 226 15.21 -16.88 6.52
C ASP A 226 14.43 -16.09 7.57
N LEU A 227 13.46 -15.29 7.10
CA LEU A 227 12.72 -14.43 8.03
C LEU A 227 11.92 -15.28 9.04
N MET A 228 11.26 -16.34 8.58
CA MET A 228 10.52 -17.26 9.48
C MET A 228 11.45 -17.82 10.54
N GLY A 229 12.66 -18.23 10.14
CA GLY A 229 13.61 -18.74 11.10
C GLY A 229 14.06 -17.70 12.10
N LYS A 230 14.26 -16.45 11.62
CA LYS A 230 14.64 -15.38 12.52
C LYS A 230 13.54 -15.10 13.53
N LEU A 231 12.29 -15.07 13.08
CA LEU A 231 11.18 -14.91 14.02
C LEU A 231 11.18 -16.03 15.06
N ILE A 232 11.39 -17.26 14.61
CA ILE A 232 11.34 -18.42 15.51
C ILE A 232 12.49 -18.40 16.53
N GLU A 233 13.67 -17.95 16.11
CA GLU A 233 14.87 -18.04 16.95
C GLU A 233 15.04 -16.86 17.90
N ALA A 234 14.35 -15.74 17.66
CA ALA A 234 14.53 -14.59 18.50
C ALA A 234 14.30 -14.94 19.95
N GLU A 235 15.10 -14.34 20.82
CA GLU A 235 14.93 -14.53 22.26
C GLU A 235 15.33 -13.28 23.04
N ARG A 239 11.87 -13.72 26.55
CA ARG A 239 10.85 -14.59 25.96
C ARG A 239 11.06 -14.83 24.47
N ARG A 240 10.22 -15.67 23.87
CA ARG A 240 10.30 -15.97 22.46
C ARG A 240 8.96 -15.68 21.83
N LEU A 241 8.94 -15.53 20.50
CA LEU A 241 7.69 -15.32 19.80
C LEU A 241 6.95 -16.65 19.66
N THR A 242 5.64 -16.59 19.86
CA THR A 242 4.83 -17.79 19.73
C THR A 242 4.21 -17.85 18.33
N ASP A 243 3.51 -18.94 18.03
CA ASP A 243 2.83 -19.01 16.74
C ASP A 243 1.78 -17.92 16.61
N ASN A 244 1.17 -17.48 17.71
CA ASN A 244 0.23 -16.36 17.61
C ASN A 244 0.93 -15.09 17.13
N HIS A 245 2.11 -14.81 17.67
CA HIS A 245 2.87 -13.64 17.21
C HIS A 245 3.26 -13.78 15.74
N ILE A 246 3.72 -14.97 15.35
CA ILE A 246 4.17 -15.18 13.98
C ILE A 246 3.02 -15.08 13.00
N VAL A 247 1.86 -15.65 13.32
CA VAL A 247 0.69 -15.49 12.48
C VAL A 247 0.29 -14.04 12.38
N ASN A 248 0.32 -13.29 13.50
CA ASN A 248 0.00 -11.88 13.40
C ASN A 248 0.96 -11.14 12.45
N PHE A 249 2.25 -11.46 12.53
CA PHE A 249 3.21 -10.80 11.66
C PHE A 249 2.93 -11.17 10.22
N ALA A 250 2.68 -12.47 9.95
CA ALA A 250 2.45 -12.92 8.57
C ALA A 250 1.19 -12.33 7.97
N LYS A 251 0.09 -12.27 8.72
CA LYS A 251 -1.15 -11.66 8.25
C LYS A 251 -0.91 -10.18 7.98
N MET A 252 -0.24 -9.48 8.89
CA MET A 252 0.12 -8.11 8.67
C MET A 252 0.87 -7.98 7.34
N LEU A 253 1.86 -8.83 7.11
CA LEU A 253 2.71 -8.63 5.92
C LEU A 253 1.94 -8.85 4.64
N LEU A 254 0.97 -9.78 4.63
CA LEU A 254 0.09 -9.93 3.47
C LEU A 254 -0.80 -8.71 3.29
N ILE A 255 -1.41 -8.20 4.35
CA ILE A 255 -2.23 -7.00 4.22
C ILE A 255 -1.38 -5.83 3.73
N ALA A 256 -0.16 -5.75 4.22
CA ALA A 256 0.68 -4.60 3.95
C ALA A 256 1.25 -4.63 2.54
N GLY A 257 1.56 -5.79 2.02
CA GLY A 257 2.36 -5.89 0.82
C GLY A 257 1.63 -6.30 -0.43
N TYR A 258 0.40 -6.70 -0.32
CA TYR A 258 -0.32 -7.22 -1.46
C TYR A 258 -1.12 -6.14 -2.17
N LEU A 259 -2.24 -5.73 -1.61
CA LEU A 259 -3.16 -4.89 -2.37
C LEU A 259 -2.65 -3.47 -2.54
N THR A 260 -1.79 -2.99 -1.65
CA THR A 260 -1.09 -1.73 -1.83
C THR A 260 -0.34 -1.72 -3.16
N THR A 261 0.47 -2.75 -3.39
CA THR A 261 1.24 -2.88 -4.63
C THR A 261 0.33 -3.02 -5.83
N THR A 262 -0.73 -3.82 -5.70
CA THR A 262 -1.70 -3.93 -6.80
C THR A 262 -2.25 -2.56 -7.18
N MET A 263 -2.64 -1.78 -6.18
CA MET A 263 -3.17 -0.45 -6.44
C MET A 263 -2.12 0.44 -7.07
N LEU A 264 -0.88 0.41 -6.61
CA LEU A 264 0.15 1.23 -7.22
C LEU A 264 0.27 0.91 -8.72
N ILE A 265 0.28 -0.37 -9.07
CA ILE A 265 0.42 -0.73 -10.48
C ILE A 265 -0.77 -0.20 -11.29
N GLY A 266 -1.99 -0.48 -10.83
CA GLY A 266 -3.17 -0.03 -11.56
C GLY A 266 -3.28 1.48 -11.62
N ASN A 267 -3.02 2.17 -10.50
CA ASN A 267 -3.11 3.61 -10.47
C ASN A 267 -2.16 4.23 -11.46
N THR A 268 -0.95 3.67 -11.55
CA THR A 268 0.06 4.28 -12.42
C THR A 268 -0.34 4.12 -13.88
N VAL A 269 -0.86 2.95 -14.27
CA VAL A 269 -1.36 2.81 -15.64
C VAL A 269 -2.50 3.78 -15.89
N LEU A 270 -3.40 3.96 -14.91
CA LEU A 270 -4.49 4.89 -15.06
C LEU A 270 -3.97 6.31 -15.28
N CYS A 271 -2.93 6.70 -14.54
CA CYS A 271 -2.33 8.01 -14.75
C CYS A 271 -1.72 8.13 -16.14
N LEU A 272 -1.01 7.11 -16.59
CA LEU A 272 -0.47 7.17 -17.94
C LEU A 272 -1.57 7.33 -18.99
N ASP A 273 -2.72 6.69 -18.80
CA ASP A 273 -3.82 6.85 -19.73
C ASP A 273 -4.37 8.28 -19.72
N SER A 274 -4.37 8.94 -18.57
CA SER A 274 -4.91 10.29 -18.52
C SER A 274 -3.91 11.35 -18.95
N TYR A 275 -2.60 11.05 -18.95
CA TYR A 275 -1.54 12.01 -19.27
C TYR A 275 -0.71 11.43 -20.41
N PRO A 276 -1.30 11.27 -21.62
CA PRO A 276 -0.62 10.52 -22.68
C PRO A 276 0.67 11.17 -23.21
N GLU A 277 0.87 12.48 -23.08
CA GLU A 277 2.15 13.06 -23.47
C GLU A 277 3.26 12.61 -22.52
N GLN A 278 2.96 12.59 -21.22
CA GLN A 278 3.93 12.06 -20.27
C GLN A 278 4.16 10.57 -20.53
N ALA A 279 3.10 9.84 -20.87
CA ALA A 279 3.26 8.41 -21.15
C ALA A 279 4.18 8.18 -22.32
N ALA A 280 4.03 8.99 -23.39
CA ALA A 280 4.92 8.83 -24.54
C ALA A 280 6.37 9.08 -24.15
N ARG A 281 6.61 10.07 -23.30
CA ARG A 281 7.98 10.32 -22.88
C ARG A 281 8.53 9.18 -22.03
N VAL A 282 7.69 8.59 -21.14
CA VAL A 282 8.13 7.43 -20.35
C VAL A 282 8.48 6.28 -21.27
N ARG A 283 7.64 6.00 -22.26
CA ARG A 283 7.96 4.92 -23.16
C ARG A 283 9.31 5.11 -23.82
N ALA A 284 9.65 6.36 -24.15
CA ALA A 284 10.91 6.64 -24.82
C ALA A 284 12.09 6.77 -23.88
N ASP A 285 11.88 6.87 -22.57
CA ASP A 285 12.94 7.04 -21.58
C ASP A 285 12.51 6.33 -20.29
N ARG A 286 12.86 5.06 -20.19
CA ARG A 286 12.41 4.23 -19.06
C ARG A 286 13.03 4.66 -17.76
N SER A 287 14.07 5.47 -17.76
CA SER A 287 14.63 5.98 -16.52
C SER A 287 13.65 6.92 -15.82
N LEU A 288 12.57 7.33 -16.48
CA LEU A 288 11.52 8.12 -15.84
C LEU A 288 10.58 7.28 -14.98
N ILE A 289 10.62 5.94 -15.10
CA ILE A 289 9.64 5.13 -14.39
C ILE A 289 9.69 5.31 -12.88
N PRO A 290 10.84 5.35 -12.22
CA PRO A 290 10.78 5.50 -10.76
C PRO A 290 10.08 6.79 -10.34
N GLY A 291 10.39 7.93 -10.98
CA GLY A 291 9.74 9.18 -10.60
C GLY A 291 8.26 9.18 -10.92
N LEU A 292 7.89 8.50 -12.01
CA LEU A 292 6.47 8.31 -12.34
C LEU A 292 5.76 7.58 -11.21
N LEU A 293 6.36 6.51 -10.71
CA LEU A 293 5.73 5.75 -9.62
C LEU A 293 5.62 6.59 -8.36
N GLU A 294 6.62 7.43 -8.09
CA GLU A 294 6.51 8.27 -6.89
C GLU A 294 5.39 9.29 -7.06
N GLU A 295 5.24 9.86 -8.28
CA GLU A 295 4.18 10.83 -8.45
C GLU A 295 2.84 10.14 -8.41
N SER A 296 2.73 8.92 -8.95
CA SER A 296 1.48 8.15 -8.80
C SER A 296 1.12 7.97 -7.33
N MET A 297 2.11 7.67 -6.49
CA MET A 297 1.83 7.51 -5.06
C MET A 297 1.37 8.82 -4.47
N ARG A 298 1.98 9.94 -4.86
CA ARG A 298 1.55 11.22 -4.30
C ARG A 298 0.14 11.54 -4.75
N PHE A 299 -0.21 11.22 -6.00
CA PHE A 299 -1.43 11.71 -6.63
C PHE A 299 -2.63 10.85 -6.30
N LEU A 300 -2.44 9.53 -6.22
CA LEU A 300 -3.47 8.56 -5.84
C LEU A 300 -2.82 7.65 -4.81
N SER A 301 -2.93 8.04 -3.56
CA SER A 301 -2.12 7.36 -2.53
C SER A 301 -2.79 6.05 -2.13
N PRO A 302 -2.21 4.88 -2.43
CA PRO A 302 -2.93 3.63 -2.18
C PRO A 302 -3.42 3.53 -0.76
N VAL A 303 -2.57 3.85 0.21
CA VAL A 303 -2.99 4.02 1.60
C VAL A 303 -3.33 5.48 1.76
N ALA A 304 -4.64 5.78 1.72
CA ALA A 304 -5.06 7.17 1.82
C ALA A 304 -4.93 7.71 3.24
N ALA A 305 -5.10 6.86 4.24
CA ALA A 305 -4.97 7.26 5.65
C ALA A 305 -4.45 6.12 6.47
N THR A 306 -3.78 6.45 7.56
CA THR A 306 -3.53 5.50 8.62
C THR A 306 -4.18 5.98 9.92
N TYR A 307 -4.04 5.14 10.94
CA TYR A 307 -4.78 5.32 12.19
C TYR A 307 -3.81 5.49 13.35
N ARG A 308 -4.16 6.39 14.29
CA ARG A 308 -3.46 6.56 15.55
C ARG A 308 -4.52 6.73 16.64
N ALA A 309 -4.06 6.61 17.88
CA ALA A 309 -4.90 6.75 19.07
C ALA A 309 -4.19 7.66 20.04
N THR A 310 -4.84 8.74 20.47
CA THR A 310 -4.18 9.63 21.42
C THR A 310 -4.05 8.96 22.78
N THR A 311 -2.89 9.17 23.41
CA THR A 311 -2.62 8.59 24.73
C THR A 311 -2.82 9.62 25.83
N ARG A 312 -3.10 10.86 25.47
CA ARG A 312 -3.17 11.98 26.38
C ARG A 312 -3.86 13.12 25.65
N ASP A 313 -4.37 14.09 26.40
CA ASP A 313 -4.87 15.30 25.77
C ASP A 313 -3.70 16.02 25.09
N VAL A 314 -3.97 16.59 23.92
CA VAL A 314 -2.90 17.18 23.14
C VAL A 314 -3.50 18.22 22.20
N GLU A 315 -2.78 19.30 21.97
CA GLU A 315 -3.23 20.34 21.04
C GLU A 315 -2.46 20.23 19.72
N VAL A 316 -3.16 20.23 18.60
CA VAL A 316 -2.53 20.16 17.29
C VAL A 316 -3.19 21.20 16.41
N ALA A 317 -2.40 22.11 15.87
CA ALA A 317 -2.93 23.12 14.94
C ALA A 317 -4.12 23.87 15.52
N GLY A 318 -4.00 24.26 16.80
CA GLY A 318 -5.05 24.97 17.50
C GLY A 318 -6.25 24.17 17.96
N GLN A 319 -6.29 22.85 17.70
CA GLN A 319 -7.40 22.00 18.08
C GLN A 319 -7.05 21.18 19.32
N ARG A 320 -8.00 21.02 20.22
CA ARG A 320 -7.76 20.35 21.50
C ARG A 320 -8.30 18.93 21.42
N LEU A 321 -7.39 17.96 21.20
CA LEU A 321 -7.79 16.56 21.16
C LEU A 321 -7.75 16.00 22.58
N SER A 322 -8.65 15.07 22.87
CA SER A 322 -8.66 14.44 24.18
C SER A 322 -7.94 13.10 24.11
N ALA A 323 -7.49 12.60 25.25
CA ALA A 323 -6.99 11.24 25.33
C ALA A 323 -8.02 10.24 24.87
N ASP A 324 -7.55 9.10 24.37
CA ASP A 324 -8.38 7.99 23.97
C ASP A 324 -9.32 8.36 22.81
N GLN A 325 -8.79 9.11 21.84
CA GLN A 325 -9.53 9.43 20.63
C GLN A 325 -8.78 8.90 19.42
N MET A 326 -9.53 8.51 18.41
CA MET A 326 -8.95 8.10 17.15
C MET A 326 -8.53 9.28 16.32
N VAL A 327 -7.38 9.15 15.63
CA VAL A 327 -6.85 10.16 14.73
C VAL A 327 -6.58 9.46 13.40
N MET A 328 -7.14 9.98 12.33
CA MET A 328 -6.82 9.49 10.99
C MET A 328 -5.85 10.46 10.34
N VAL A 329 -4.70 9.94 9.92
CA VAL A 329 -3.69 10.77 9.25
C VAL A 329 -3.85 10.53 7.76
N TRP A 330 -4.36 11.53 7.05
CA TRP A 330 -4.70 11.37 5.63
C TRP A 330 -3.50 11.72 4.76
N PHE A 331 -2.64 10.69 4.55
CA PHE A 331 -1.52 10.81 3.59
C PHE A 331 -2.02 11.38 2.28
N GLY A 332 -3.18 10.91 1.80
CA GLY A 332 -3.64 11.37 0.49
C GLY A 332 -3.89 12.86 0.44
N ALA A 333 -4.42 13.41 1.55
CA ALA A 333 -4.67 14.85 1.62
C ALA A 333 -3.38 15.62 1.83
N ALA A 334 -2.51 15.12 2.69
CA ALA A 334 -1.22 15.77 2.93
C ALA A 334 -0.41 15.87 1.65
N ASN A 335 -0.59 14.87 0.77
CA ASN A 335 0.11 14.82 -0.50
C ASN A 335 -0.41 15.84 -1.50
N ARG A 336 -1.48 16.58 -1.16
CA ARG A 336 -1.97 17.69 -1.98
C ARG A 336 -1.74 19.04 -1.31
N ASP A 337 -0.97 19.10 -0.23
CA ASP A 337 -0.88 20.35 0.52
C ASP A 337 0.00 21.33 -0.27
N ALA A 338 -0.58 22.48 -0.66
CA ALA A 338 0.17 23.46 -1.44
C ALA A 338 1.27 24.13 -0.64
N ARG A 339 1.26 24.02 0.70
CA ARG A 339 2.39 24.51 1.46
C ARG A 339 3.65 23.69 1.20
N GLN A 340 3.49 22.45 0.71
CA GLN A 340 4.61 21.56 0.45
C GLN A 340 4.84 21.31 -1.02
N PHE A 341 3.80 21.20 -1.82
CA PHE A 341 3.93 20.83 -3.23
C PHE A 341 3.42 21.97 -4.10
N ALA A 342 4.26 22.42 -5.04
CA ALA A 342 3.82 23.44 -6.00
C ALA A 342 2.81 22.82 -6.95
N GLU A 343 1.72 23.54 -7.23
CA GLU A 343 0.70 23.07 -8.15
C GLU A 343 0.30 21.64 -7.80
N PRO A 344 -0.17 21.40 -6.58
CA PRO A 344 -0.41 20.01 -6.14
C PRO A 344 -1.45 19.27 -6.94
N GLU A 345 -2.35 19.98 -7.65
CA GLU A 345 -3.37 19.35 -8.46
C GLU A 345 -2.84 18.82 -9.77
N LEU A 346 -1.62 19.14 -10.11
CA LEU A 346 -1.07 18.70 -11.39
C LEU A 346 -0.26 17.42 -11.21
N PHE A 347 -0.49 16.48 -12.11
CA PHE A 347 0.31 15.26 -12.16
C PHE A 347 1.59 15.56 -12.92
N ASP A 348 2.76 15.47 -12.29
CA ASP A 348 4.01 15.76 -12.97
C ASP A 348 4.99 14.62 -12.61
N MET A 349 5.20 13.70 -13.54
CA MET A 349 6.07 12.56 -13.23
C MET A 349 7.51 12.95 -12.92
N THR A 350 7.95 14.14 -13.29
CA THR A 350 9.31 14.56 -13.00
C THR A 350 9.40 15.46 -11.80
N ARG A 351 8.32 15.55 -11.01
CA ARG A 351 8.37 16.31 -9.78
C ARG A 351 9.55 15.80 -8.95
N GLY A 352 10.36 16.73 -8.45
CA GLY A 352 11.56 16.38 -7.77
C GLY A 352 12.18 17.59 -7.11
N PRO A 353 12.46 17.52 -5.79
CA PRO A 353 12.20 16.36 -4.94
C PRO A 353 10.70 16.17 -4.82
N ASN A 354 10.29 15.01 -4.35
CA ASN A 354 8.86 14.67 -4.24
C ASN A 354 8.69 13.95 -2.91
N PRO A 355 8.67 14.66 -1.79
CA PRO A 355 8.70 14.03 -0.47
C PRO A 355 7.28 13.64 -0.02
N HIS A 356 6.61 12.86 -0.85
CA HIS A 356 5.26 12.49 -0.52
C HIS A 356 5.22 11.51 0.65
N LEU A 357 4.03 11.40 1.24
CA LEU A 357 3.79 10.55 2.40
C LEU A 357 3.11 9.24 2.03
N GLY A 358 3.19 8.83 0.77
CA GLY A 358 2.55 7.58 0.38
C GLY A 358 3.08 6.34 1.10
N PHE A 359 4.35 6.34 1.52
CA PHE A 359 4.94 5.26 2.32
C PHE A 359 5.05 5.65 3.78
N GLY A 360 4.32 6.69 4.21
CA GLY A 360 4.45 7.12 5.58
C GLY A 360 5.75 7.87 5.85
N ARG A 361 6.03 8.04 7.14
CA ARG A 361 7.22 8.76 7.60
C ARG A 361 7.34 8.52 9.09
N GLY A 362 8.57 8.41 9.56
CA GLY A 362 8.78 8.16 11.00
C GLY A 362 8.94 6.69 11.27
N ILE A 363 8.77 6.30 12.52
CA ILE A 363 9.19 4.94 12.93
C ILE A 363 8.48 3.84 12.15
N HIS A 364 7.23 4.07 11.71
CA HIS A 364 6.45 3.05 11.02
C HIS A 364 6.53 3.17 9.50
N PHE A 365 7.45 3.96 8.95
CA PHE A 365 7.45 4.13 7.51
C PHE A 365 7.63 2.78 6.81
N CYS A 366 7.11 2.70 5.61
CA CYS A 366 6.99 1.39 4.96
C CYS A 366 8.30 0.64 4.84
N LEU A 367 8.34 -0.53 5.47
CA LEU A 367 9.50 -1.40 5.34
C LEU A 367 9.59 -2.00 3.95
N GLY A 368 8.46 -2.10 3.28
CA GLY A 368 8.40 -2.65 1.94
C GLY A 368 8.65 -1.68 0.83
N GLY A 369 9.02 -0.43 1.09
CA GLY A 369 9.14 0.54 0.02
C GLY A 369 10.07 0.13 -1.10
N PRO A 370 11.29 -0.27 -0.79
CA PRO A 370 12.19 -0.71 -1.87
C PRO A 370 11.62 -1.87 -2.67
N LEU A 371 10.98 -2.84 -2.01
CA LEU A 371 10.36 -3.95 -2.76
C LEU A 371 9.22 -3.45 -3.62
N ALA A 372 8.37 -2.55 -3.11
CA ALA A 372 7.24 -2.06 -3.88
C ALA A 372 7.69 -1.26 -5.08
N ARG A 373 8.72 -0.44 -4.89
CA ARG A 373 9.27 0.34 -6.00
C ARG A 373 9.78 -0.58 -7.11
N MET A 374 10.47 -1.66 -6.73
CA MET A 374 10.92 -2.62 -7.73
C MET A 374 9.76 -3.31 -8.42
N GLU A 375 8.76 -3.74 -7.66
CA GLU A 375 7.64 -4.43 -8.30
C GLU A 375 6.93 -3.52 -9.29
N GLY A 376 6.69 -2.27 -8.89
CA GLY A 376 6.04 -1.33 -9.81
C GLY A 376 6.87 -1.05 -11.05
N ARG A 377 8.17 -0.90 -10.87
CA ARG A 377 9.02 -0.62 -12.02
C ARG A 377 9.06 -1.81 -12.97
N VAL A 378 9.25 -3.02 -12.44
CA VAL A 378 9.32 -4.20 -13.31
C VAL A 378 7.99 -4.39 -14.05
N ALA A 379 6.87 -4.25 -13.35
CA ALA A 379 5.57 -4.40 -13.97
C ALA A 379 5.37 -3.40 -15.08
N LEU A 380 5.64 -2.14 -14.78
CA LEU A 380 5.37 -1.11 -15.79
C LEU A 380 6.32 -1.23 -16.99
N ASP A 381 7.59 -1.47 -16.72
CA ASP A 381 8.55 -1.50 -17.82
C ASP A 381 8.20 -2.61 -18.81
N HIS A 382 7.85 -3.79 -18.30
CA HIS A 382 7.52 -4.87 -19.21
C HIS A 382 6.15 -4.69 -19.83
N LEU A 383 5.17 -4.15 -19.10
CA LEU A 383 3.88 -3.85 -19.72
C LEU A 383 4.08 -2.96 -20.94
N LEU A 384 4.89 -1.91 -20.83
CA LEU A 384 5.09 -0.99 -21.94
C LEU A 384 5.82 -1.69 -23.07
N ASP A 385 6.76 -2.59 -22.75
CA ASP A 385 7.41 -3.36 -23.81
C ASP A 385 6.44 -4.24 -24.57
N ARG A 386 5.51 -4.86 -23.88
CA ARG A 386 4.68 -5.87 -24.49
C ARG A 386 3.49 -5.30 -25.22
N PHE A 387 3.10 -4.07 -24.94
CA PHE A 387 1.90 -3.46 -25.52
C PHE A 387 2.30 -2.07 -25.98
N PRO A 388 2.58 -1.89 -27.27
CA PRO A 388 2.91 -0.53 -27.74
C PRO A 388 1.75 0.45 -27.63
N GLU A 389 0.51 -0.01 -27.53
CA GLU A 389 -0.59 0.92 -27.25
C GLU A 389 -1.56 0.32 -26.25
N LEU A 390 -2.00 1.14 -25.30
CA LEU A 390 -2.97 0.75 -24.29
C LEU A 390 -3.90 1.92 -24.06
N TYR A 391 -5.20 1.64 -23.93
CA TYR A 391 -6.20 2.67 -23.72
C TYR A 391 -7.26 2.14 -22.78
N THR A 392 -7.83 3.03 -21.94
CA THR A 392 -9.01 2.64 -21.21
C THR A 392 -10.18 2.50 -22.19
N ASP A 393 -11.29 1.96 -21.69
CA ASP A 393 -12.48 1.74 -22.51
C ASP A 393 -13.64 2.47 -21.86
N PRO A 394 -14.15 3.54 -22.48
CA PRO A 394 -15.28 4.27 -21.89
C PRO A 394 -16.52 3.41 -21.68
N GLU A 395 -16.65 2.31 -22.42
CA GLU A 395 -17.77 1.39 -22.20
C GLU A 395 -17.49 0.32 -21.16
N ARG A 396 -16.25 0.16 -20.71
CA ARG A 396 -15.90 -0.78 -19.63
C ARG A 396 -14.96 -0.02 -18.71
N PRO A 397 -15.49 0.89 -17.91
CA PRO A 397 -14.64 1.81 -17.17
C PRO A 397 -13.91 1.11 -16.04
N PRO A 398 -12.84 1.70 -15.58
CA PRO A 398 -12.18 1.20 -14.37
C PRO A 398 -13.11 1.27 -13.17
N THR A 399 -12.87 0.41 -12.22
CA THR A 399 -13.53 0.49 -10.92
C THR A 399 -12.43 0.62 -9.84
N PHE A 400 -12.86 0.98 -8.63
CA PHE A 400 -11.94 1.34 -7.55
C PHE A 400 -12.22 0.52 -6.30
N MET A 401 -11.17 0.26 -5.52
CA MET A 401 -11.32 -0.49 -4.29
C MET A 401 -12.27 0.27 -3.37
N PRO A 402 -13.12 -0.44 -2.64
CA PRO A 402 -14.16 0.22 -1.86
C PRO A 402 -13.68 0.88 -0.56
N GLY A 403 -12.55 0.45 0.01
CA GLY A 403 -12.23 1.01 1.33
C GLY A 403 -12.05 2.53 1.34
N PHE A 404 -12.70 3.24 2.29
CA PHE A 404 -12.66 4.68 2.34
C PHE A 404 -11.26 5.24 2.64
N ASP A 405 -10.40 4.41 3.20
CA ASP A 405 -9.03 4.76 3.56
C ASP A 405 -8.01 4.29 2.53
N THR A 406 -8.46 4.00 1.32
CA THR A 406 -7.57 3.60 0.23
C THR A 406 -7.85 4.51 -0.95
N THR A 407 -6.90 4.55 -1.88
CA THR A 407 -7.11 5.24 -3.16
C THR A 407 -6.53 4.34 -4.25
N GLY A 408 -7.34 3.52 -4.89
CA GLY A 408 -6.74 2.63 -5.87
C GLY A 408 -7.73 1.92 -6.75
N VAL A 409 -7.20 1.58 -7.92
CA VAL A 409 -7.93 0.80 -8.92
C VAL A 409 -8.18 -0.61 -8.43
N SER A 410 -9.40 -1.15 -8.67
CA SER A 410 -9.68 -2.57 -8.49
C SER A 410 -9.88 -3.34 -9.78
N SER A 411 -10.32 -2.70 -10.85
CA SER A 411 -10.42 -3.31 -12.17
C SER A 411 -10.04 -2.27 -13.18
N LEU A 412 -9.29 -2.68 -14.22
CA LEU A 412 -8.80 -1.74 -15.22
C LEU A 412 -8.88 -2.39 -16.60
N PRO A 413 -10.06 -2.37 -17.23
CA PRO A 413 -10.17 -2.90 -18.59
C PRO A 413 -9.39 -2.03 -19.54
N LEU A 414 -8.60 -2.67 -20.38
CA LEU A 414 -7.79 -1.97 -21.37
C LEU A 414 -8.06 -2.55 -22.74
N ARG A 415 -7.85 -1.69 -23.71
CA ARG A 415 -7.89 -2.05 -25.13
C ARG A 415 -6.51 -1.83 -25.71
N THR A 416 -6.15 -2.71 -26.66
CA THR A 416 -4.79 -2.72 -27.19
C THR A 416 -4.72 -2.10 -28.56
N SER A 417 -5.81 -1.49 -29.01
CA SER A 417 -5.88 -0.74 -30.25
C SER A 417 -7.20 0.02 -30.24
N LEU A 418 -7.30 1.03 -31.09
CA LEU A 418 -8.52 1.81 -31.24
C LEU A 418 -9.25 1.32 -32.49
N GLY A 419 -10.40 0.68 -32.30
CA GLY A 419 -11.18 0.14 -33.40
C GLY A 419 -11.79 -1.22 -33.14
CHA HEM B . 3.95 0.30 6.53
CHB HEM B . 2.07 1.96 2.39
CHC HEM B . 4.18 -1.77 0.04
CHD HEM B . 5.02 -3.88 4.31
C1A HEM B . 3.36 1.10 5.58
C2A HEM B . 2.91 2.40 5.82
C3A HEM B . 2.37 2.87 4.67
C4A HEM B . 2.49 1.86 3.70
CMA HEM B . 1.77 4.24 4.45
CAA HEM B . 2.99 3.15 7.13
CBA HEM B . 1.72 2.89 7.95
CGA HEM B . 1.80 3.64 9.26
O1A HEM B . 2.79 4.34 9.54
O2A HEM B . 0.85 3.55 10.07
C1B HEM B . 2.53 1.08 1.40
C2B HEM B . 2.30 1.32 0.02
C3B HEM B . 2.88 0.29 -0.66
C4B HEM B . 3.49 -0.60 0.36
CMB HEM B . 1.56 2.48 -0.57
CAB HEM B . 2.91 0.10 -2.12
CBB HEM B . 3.27 1.11 -2.92
C1C HEM B . 4.60 -2.68 0.99
C2C HEM B . 5.26 -3.89 0.73
C3C HEM B . 5.50 -4.50 1.95
C4C HEM B . 4.98 -3.63 2.96
CMC HEM B . 5.63 -4.44 -0.62
CAC HEM B . 6.17 -5.80 2.17
CBC HEM B . 7.39 -6.00 1.68
C1D HEM B . 4.81 -2.86 5.24
C2D HEM B . 5.12 -3.06 6.67
C3D HEM B . 4.82 -1.91 7.28
C4D HEM B . 4.34 -0.99 6.24
CMD HEM B . 5.66 -4.32 7.31
CAD HEM B . 4.95 -1.61 8.75
CBD HEM B . 6.30 -0.92 9.01
CGD HEM B . 6.45 -0.59 10.48
O1D HEM B . 5.55 -0.90 11.29
O2D HEM B . 7.49 -0.03 10.88
NA HEM B . 3.09 0.76 4.27
NB HEM B . 3.23 -0.05 1.56
NC HEM B . 4.45 -2.54 2.34
ND HEM B . 4.36 -1.61 5.04
FE HEM B . 3.83 -0.87 3.41
C1 GOL C . 9.72 8.21 -1.58
O1 GOL C . 9.14 6.94 -1.84
C2 GOL C . 8.96 8.90 -0.47
O2 GOL C . 9.03 8.18 0.74
C3 GOL C . 9.48 10.32 -0.34
O3 GOL C . 8.92 11.01 0.74
H11 GOL C . 10.76 8.08 -1.29
H12 GOL C . 9.68 8.82 -2.49
HO1 GOL C . 9.60 6.52 -2.60
H2 GOL C . 7.91 8.96 -0.78
HO2 GOL C . 9.97 8.14 1.04
H31 GOL C . 10.56 10.29 -0.22
H32 GOL C . 9.26 10.86 -1.27
HO3 GOL C . 7.95 11.05 0.63
C1 GOL D . 15.84 -12.70 7.46
O1 GOL D . 15.62 -11.80 8.53
C2 GOL D . 16.82 -12.09 6.49
O2 GOL D . 17.97 -11.76 7.22
C3 GOL D . 17.21 -13.04 5.36
O3 GOL D . 17.96 -12.34 4.38
H11 GOL D . 16.23 -13.64 7.85
H12 GOL D . 14.89 -12.91 6.95
HO1 GOL D . 14.92 -12.16 9.12
H2 GOL D . 16.38 -11.18 6.05
HO2 GOL D . 18.37 -12.57 7.60
H31 GOL D . 17.81 -13.86 5.76
H32 GOL D . 16.32 -13.47 4.91
HO3 GOL D . 18.30 -12.97 3.72
C1 GOL E . -13.54 5.64 16.95
O1 GOL E . -14.29 4.73 16.20
C2 GOL E . -13.40 5.13 18.37
O2 GOL E . -12.77 3.86 18.36
C3 GOL E . -12.57 6.07 19.21
O3 GOL E . -12.76 5.83 20.58
H11 GOL E . -12.55 5.77 16.51
H12 GOL E . -14.03 6.61 16.96
HO1 GOL E . -14.45 5.08 15.29
H2 GOL E . -14.39 5.04 18.81
HO2 GOL E . -11.87 3.96 17.98
H31 GOL E . -11.51 5.95 18.95
H32 GOL E . -12.85 7.10 18.98
HO3 GOL E . -12.29 6.52 21.10
MG MG F . -5.22 5.63 24.08
#